data_3E3T
#
_entry.id   3E3T
#
_cell.length_a   50.096
_cell.length_b   57.973
_cell.length_c   74.395
_cell.angle_alpha   90.000
_cell.angle_beta   90.000
_cell.angle_gamma   90.000
#
_symmetry.space_group_name_H-M   'P 21 21 21'
#
loop_
_entity.id
_entity.type
_entity.pdbx_description
1 polymer Elastase-1
2 non-polymer 'SULFATE ION'
3 non-polymer 'SODIUM ION'
4 non-polymer 'IODIDE ION'
5 non-polymer '5-amino-2,4,6-triiodobenzene-1,3-dicarboxylic acid'
6 water water
#
_entity_poly.entity_id   1
_entity_poly.type   'polypeptide(L)'
_entity_poly.pdbx_seq_one_letter_code
;VVGGTEAQRNSWPSQISLQYRSGSSWAHTCGGTLIRQNWVMTAAHCVDRELTFRVVVGEHNLNQNNGTEQYVGVQKIVVH
PYWNTDDVAAGYDIALLRLAQSVTLNSYVQLGVLPRAGTILANNSPCYITGWGLTRTNGQLAQTLQQAYLPTVDYAICSS
SSYWGSTVKNSMVCAGGDGVRSGCQGDSGGPLHCLVNGQYAVHGVTSFVSRLGCNVTRKPTVFTRVSAYISWINNVIASN
;
_entity_poly.pdbx_strand_id   A
#
loop_
_chem_comp.id
_chem_comp.type
_chem_comp.name
_chem_comp.formula
I3C non-polymer '5-amino-2,4,6-triiodobenzene-1,3-dicarboxylic acid' 'C8 H4 I3 N O4'
IOD non-polymer 'IODIDE ION' 'I -1'
NA non-polymer 'SODIUM ION' 'Na 1'
SO4 non-polymer 'SULFATE ION' 'O4 S -2'
#
# COMPACT_ATOMS: atom_id res chain seq x y z
N VAL A 1 8.47 5.45 4.25
CA VAL A 1 8.01 6.79 3.99
C VAL A 1 9.12 7.80 4.28
N VAL A 2 9.44 8.56 3.25
CA VAL A 2 10.42 9.64 3.39
C VAL A 2 9.69 10.93 3.69
N GLY A 3 10.15 11.73 4.66
CA GLY A 3 9.54 12.99 4.99
C GLY A 3 8.22 12.89 5.71
N GLY A 4 8.03 11.75 6.36
CA GLY A 4 6.82 11.47 7.10
C GLY A 4 6.87 11.99 8.53
N THR A 5 5.77 11.75 9.22
CA THR A 5 5.66 11.96 10.65
C THR A 5 5.10 10.66 11.25
N GLU A 6 5.33 10.44 12.54
CA GLU A 6 4.78 9.25 13.17
C GLU A 6 3.27 9.31 13.26
N ALA A 7 2.61 8.28 12.77
CA ALA A 7 1.17 8.24 12.89
C ALA A 7 0.71 7.96 14.31
N GLN A 8 -0.46 8.53 14.62
CA GLN A 8 -1.06 8.10 15.89
C GLN A 8 -1.52 6.65 15.75
N ARG A 9 -1.47 5.94 16.86
CA ARG A 9 -1.70 4.51 16.99
C ARG A 9 -3.03 4.04 16.44
N ASN A 10 -4.05 4.91 16.45
CA ASN A 10 -5.34 4.46 15.94
C ASN A 10 -5.79 5.19 14.71
N SER A 11 -4.89 5.86 13.98
CA SER A 11 -5.31 6.64 12.84
C SER A 11 -5.67 5.85 11.58
N TRP A 12 -4.92 4.79 11.37
CA TRP A 12 -5.05 4.01 10.13
C TRP A 12 -5.21 2.53 10.44
N PRO A 13 -6.34 2.16 11.04
CA PRO A 13 -6.50 0.79 11.56
C PRO A 13 -6.63 -0.31 10.50
N SER A 14 -6.77 0.03 9.21
CA SER A 14 -6.75 -0.95 8.14
C SER A 14 -5.36 -1.26 7.65
N GLN A 15 -4.33 -0.50 8.08
CA GLN A 15 -2.96 -0.76 7.65
C GLN A 15 -2.45 -2.07 8.24
N ILE A 16 -1.82 -2.93 7.46
CA ILE A 16 -1.20 -4.16 7.94
C ILE A 16 0.28 -4.18 7.60
N SER A 17 1.04 -4.99 8.32
CA SER A 17 2.44 -5.29 7.97
C SER A 17 2.51 -6.69 7.38
N LEU A 18 3.03 -6.84 6.19
CA LEU A 18 3.25 -8.13 5.55
C LEU A 18 4.70 -8.54 5.80
N GLN A 19 4.86 -9.73 6.38
CA GLN A 19 6.16 -10.16 6.88
C GLN A 19 6.46 -11.55 6.31
N TYR A 20 7.76 -11.78 6.13
CA TYR A 20 8.16 -13.12 5.74
C TYR A 20 9.07 -13.74 6.80
N ARG A 21 9.03 -15.08 6.78
CA ARG A 21 9.82 -15.83 7.74
C ARG A 21 11.28 -15.82 7.28
N SER A 22 12.15 -15.51 8.23
CA SER A 22 13.58 -15.36 7.98
C SER A 22 14.36 -15.99 9.14
N GLY A 23 14.86 -17.20 8.93
CA GLY A 23 15.27 -18.09 9.99
C GLY A 23 14.29 -18.19 11.14
N SER A 24 14.69 -17.72 12.32
CA SER A 24 13.92 -17.86 13.54
C SER A 24 13.03 -16.65 13.80
N SER A 25 12.88 -15.86 12.74
CA SER A 25 12.53 -14.46 12.87
C SER A 25 11.51 -14.11 11.77
N TRP A 26 10.88 -12.95 11.90
CA TRP A 26 9.98 -12.45 10.88
C TRP A 26 10.51 -11.09 10.44
N ALA A 27 10.39 -10.77 9.16
CA ALA A 27 10.86 -9.46 8.72
C ALA A 27 9.75 -8.74 7.96
N HIS A 28 9.57 -7.48 8.32
CA HIS A 28 8.69 -6.68 7.47
C HIS A 28 9.21 -6.57 6.05
N THR A 29 8.27 -6.71 5.11
CA THR A 29 8.64 -6.52 3.71
C THR A 29 7.71 -5.55 2.98
N CYS A 30 6.43 -5.46 3.34
CA CYS A 30 5.49 -4.68 2.56
C CYS A 30 4.33 -4.26 3.45
N GLY A 31 3.57 -3.31 3.00
CA GLY A 31 2.29 -2.95 3.58
C GLY A 31 1.15 -3.70 2.90
N GLY A 32 -0.04 -3.50 3.46
CA GLY A 32 -1.30 -3.91 2.90
C GLY A 32 -2.47 -3.22 3.60
N THR A 33 -3.66 -3.51 3.12
CA THR A 33 -4.93 -3.01 3.64
C THR A 33 -5.83 -4.18 3.98
N LEU A 34 -6.26 -4.24 5.23
CA LEU A 34 -7.30 -5.21 5.59
C LEU A 34 -8.62 -4.83 4.93
N ILE A 35 -9.19 -5.69 4.09
CA ILE A 35 -10.45 -5.33 3.43
C ILE A 35 -11.62 -6.24 3.79
N ARG A 36 -11.36 -7.39 4.37
CA ARG A 36 -12.32 -8.25 5.04
C ARG A 36 -11.67 -8.81 6.28
N GLN A 37 -12.43 -9.40 7.21
CA GLN A 37 -11.71 -9.91 8.38
C GLN A 37 -10.73 -11.01 8.04
N ASN A 38 -10.89 -11.64 6.89
CA ASN A 38 -9.93 -12.65 6.46
C ASN A 38 -9.32 -12.33 5.10
N TRP A 39 -9.34 -11.07 4.68
CA TRP A 39 -8.72 -10.77 3.39
C TRP A 39 -7.92 -9.43 3.48
N VAL A 40 -6.72 -9.52 2.94
CA VAL A 40 -5.82 -8.38 2.76
C VAL A 40 -5.53 -8.04 1.30
N MET A 41 -5.55 -6.73 1.00
CA MET A 41 -5.16 -6.20 -0.30
C MET A 41 -3.74 -5.69 -0.25
N THR A 42 -2.90 -6.16 -1.17
CA THR A 42 -1.49 -5.72 -1.23
C THR A 42 -1.06 -5.61 -2.68
N ALA A 43 0.21 -5.36 -2.93
CA ALA A 43 0.77 -5.37 -4.27
C ALA A 43 1.21 -6.79 -4.68
N ALA A 44 0.96 -7.10 -5.95
CA ALA A 44 1.45 -8.38 -6.51
C ALA A 44 2.94 -8.50 -6.34
N HIS A 45 3.72 -7.43 -6.57
CA HIS A 45 5.15 -7.61 -6.53
C HIS A 45 5.62 -7.99 -5.13
N CYS A 46 4.82 -7.72 -4.12
CA CYS A 46 5.20 -8.04 -2.74
C CYS A 46 5.22 -9.56 -2.52
N VAL A 47 4.50 -10.28 -3.39
CA VAL A 47 4.40 -11.73 -3.12
C VAL A 47 4.98 -12.55 -4.26
N ASP A 48 5.83 -11.87 -5.04
CA ASP A 48 6.53 -12.61 -6.09
C ASP A 48 7.42 -13.70 -5.50
N ARG A 49 8.11 -13.42 -4.40
CA ARG A 49 9.01 -14.42 -3.83
C ARG A 49 8.19 -15.52 -3.16
N GLU A 50 8.72 -16.74 -3.30
CA GLU A 50 8.08 -17.94 -2.78
C GLU A 50 8.32 -18.14 -1.29
N LEU A 51 7.93 -17.17 -0.47
CA LEU A 51 8.28 -17.13 0.94
C LEU A 51 7.11 -17.55 1.82
N THR A 52 7.36 -17.76 3.10
CA THR A 52 6.30 -17.90 4.08
C THR A 52 5.90 -16.51 4.57
N PHE A 53 4.63 -16.15 4.34
CA PHE A 53 4.21 -14.82 4.73
C PHE A 53 3.21 -14.85 5.86
N ARG A 54 3.24 -13.82 6.70
CA ARG A 54 2.20 -13.60 7.68
C ARG A 54 1.78 -12.13 7.62
N VAL A 55 0.60 -11.88 8.20
CA VAL A 55 0.07 -10.52 8.31
C VAL A 55 0.00 -10.13 9.76
N VAL A 56 0.40 -8.91 10.09
CA VAL A 56 0.18 -8.37 11.42
C VAL A 56 -0.81 -7.21 11.31
N VAL A 57 -1.94 -7.35 11.99
CA VAL A 57 -2.88 -6.25 12.16
C VAL A 57 -2.71 -5.61 13.53
N GLY A 58 -3.16 -4.36 13.68
CA GLY A 58 -3.00 -3.70 14.98
C GLY A 58 -1.55 -3.42 15.32
N GLU A 59 -0.67 -3.37 14.32
CA GLU A 59 0.74 -3.05 14.54
C GLU A 59 0.99 -1.55 14.51
N HIS A 60 1.94 -1.11 15.32
CA HIS A 60 2.39 0.27 15.36
C HIS A 60 3.90 0.35 15.36
N ASN A 61 4.56 -0.29 16.30
CA ASN A 61 6.00 -0.39 16.45
C ASN A 61 6.49 -1.81 16.16
N LEU A 62 7.28 -1.92 15.10
CA LEU A 62 7.69 -3.20 14.57
C LEU A 62 8.64 -3.92 15.55
N ASN A 63 9.29 -3.16 16.41
CA ASN A 63 10.29 -3.80 17.28
C ASN A 63 9.89 -3.82 18.75
N GLN A 64 8.67 -3.43 19.10
CA GLN A 64 8.19 -3.42 20.47
C GLN A 64 6.79 -4.02 20.56
N ASN A 65 6.49 -4.75 21.64
CA ASN A 65 5.12 -5.19 21.83
C ASN A 65 4.21 -4.02 22.24
N ASN A 66 3.16 -3.79 21.47
CA ASN A 66 2.22 -2.69 21.69
C ASN A 66 1.02 -3.17 22.47
N GLY A 67 0.85 -4.49 22.57
CA GLY A 67 -0.34 -5.04 23.16
C GLY A 67 -1.62 -5.04 22.37
N THR A 68 -1.54 -4.74 21.08
CA THR A 68 -2.67 -4.65 20.17
C THR A 68 -2.56 -5.49 18.91
N GLU A 69 -1.43 -6.14 18.71
CA GLU A 69 -1.12 -6.90 17.48
C GLU A 69 -1.87 -8.22 17.43
N GLN A 70 -2.34 -8.59 16.25
CA GLN A 70 -2.76 -9.95 15.97
C GLN A 70 -1.93 -10.43 14.77
N TYR A 71 -1.39 -11.63 14.87
CA TYR A 71 -0.49 -12.22 13.92
C TYR A 71 -1.18 -13.39 13.23
N VAL A 72 -1.28 -13.35 11.91
CA VAL A 72 -2.09 -14.34 11.22
C VAL A 72 -1.38 -14.82 9.96
N GLY A 73 -1.33 -16.15 9.77
CA GLY A 73 -0.73 -16.69 8.58
C GLY A 73 -1.48 -16.38 7.30
N VAL A 74 -0.75 -16.24 6.19
CA VAL A 74 -1.40 -16.21 4.88
C VAL A 74 -1.65 -17.63 4.38
N GLN A 75 -2.91 -17.89 4.07
CA GLN A 75 -3.35 -19.22 3.68
C GLN A 75 -3.46 -19.35 2.16
N LYS A 76 -3.86 -18.29 1.45
CA LYS A 76 -3.97 -18.30 0.00
C LYS A 76 -3.60 -16.97 -0.62
N ILE A 77 -2.92 -17.00 -1.74
CA ILE A 77 -2.53 -15.79 -2.43
C ILE A 77 -3.14 -15.79 -3.83
N VAL A 78 -3.90 -14.75 -4.14
CA VAL A 78 -4.45 -14.57 -5.46
C VAL A 78 -3.88 -13.29 -6.10
N VAL A 79 -2.95 -13.48 -7.03
CA VAL A 79 -2.36 -12.38 -7.76
C VAL A 79 -3.21 -12.03 -8.99
N HIS A 80 -3.34 -10.76 -9.35
CA HIS A 80 -4.01 -10.38 -10.58
C HIS A 80 -3.43 -11.18 -11.74
N PRO A 81 -4.28 -11.84 -12.52
CA PRO A 81 -3.80 -12.79 -13.53
C PRO A 81 -3.00 -12.18 -14.67
N TYR A 82 -3.07 -10.91 -14.92
CA TYR A 82 -2.34 -10.12 -15.89
C TYR A 82 -1.06 -9.52 -15.32
N TRP A 83 -0.74 -9.70 -14.05
CA TRP A 83 0.49 -9.11 -13.48
C TRP A 83 1.71 -9.75 -14.11
N ASN A 84 2.71 -8.95 -14.43
CA ASN A 84 3.98 -9.46 -14.94
C ASN A 84 5.10 -8.84 -14.13
N THR A 85 5.85 -9.63 -13.37
CA THR A 85 6.86 -9.10 -12.46
C THR A 85 7.96 -8.33 -13.19
N ASP A 86 8.21 -8.64 -14.45
CA ASP A 86 9.25 -7.87 -15.13
C ASP A 86 8.66 -6.73 -15.92
N ASP A 87 7.40 -6.40 -15.63
CA ASP A 87 6.79 -5.22 -16.25
C ASP A 87 5.85 -4.48 -15.32
N VAL A 88 6.36 -3.84 -14.27
CA VAL A 88 5.52 -3.18 -13.27
C VAL A 88 4.77 -2.02 -13.92
N ALA A 89 5.37 -1.41 -14.94
CA ALA A 89 4.77 -0.28 -15.63
C ALA A 89 3.52 -0.64 -16.40
N ALA A 90 3.30 -1.93 -16.64
CA ALA A 90 2.09 -2.38 -17.31
C ALA A 90 0.86 -2.31 -16.40
N GLY A 91 1.16 -2.32 -15.11
CA GLY A 91 0.14 -2.27 -14.07
C GLY A 91 -0.22 -3.63 -13.52
N TYR A 92 -1.47 -3.74 -13.04
CA TYR A 92 -2.01 -4.94 -12.48
C TYR A 92 -1.24 -5.36 -11.21
N ASP A 93 -0.59 -4.39 -10.59
CA ASP A 93 0.19 -4.66 -9.39
C ASP A 93 -0.73 -4.72 -8.17
N ILE A 94 -1.42 -5.85 -8.08
CA ILE A 94 -2.40 -6.00 -7.00
C ILE A 94 -2.58 -7.48 -6.72
N ALA A 95 -2.80 -7.82 -5.46
CA ALA A 95 -2.93 -9.20 -5.02
C ALA A 95 -3.80 -9.25 -3.76
N LEU A 96 -4.52 -10.35 -3.60
CA LEU A 96 -5.34 -10.55 -2.42
C LEU A 96 -4.83 -11.74 -1.62
N LEU A 97 -4.75 -11.59 -0.31
CA LEU A 97 -4.29 -12.64 0.58
C LEU A 97 -5.44 -13.07 1.46
N ARG A 98 -5.81 -14.36 1.41
CA ARG A 98 -6.77 -14.85 2.37
C ARG A 98 -6.03 -15.33 3.62
N LEU A 99 -6.49 -14.90 4.77
CA LEU A 99 -5.86 -15.13 6.06
C LEU A 99 -6.34 -16.47 6.61
N ALA A 100 -5.52 -17.09 7.44
CA ALA A 100 -5.83 -18.42 7.96
C ALA A 100 -6.92 -18.37 9.02
N GLN A 101 -7.01 -17.21 9.64
CA GLN A 101 -7.99 -16.89 10.65
C GLN A 101 -8.63 -15.55 10.31
N SER A 102 -9.87 -15.33 10.71
CA SER A 102 -10.46 -14.01 10.73
C SER A 102 -9.97 -13.22 11.93
N VAL A 103 -9.53 -12.00 11.65
CA VAL A 103 -9.08 -11.14 12.72
C VAL A 103 -10.25 -10.48 13.44
N THR A 104 -9.94 -10.14 14.68
CA THR A 104 -10.92 -9.41 15.48
C THR A 104 -10.83 -7.91 15.30
N LEU A 105 -11.97 -7.26 15.07
CA LEU A 105 -11.96 -5.81 14.89
C LEU A 105 -12.05 -5.05 16.20
N ASN A 106 -11.33 -3.94 16.27
CA ASN A 106 -11.32 -3.03 17.41
C ASN A 106 -10.72 -1.69 17.00
N SER A 107 -10.32 -0.82 17.92
CA SER A 107 -9.99 0.53 17.46
C SER A 107 -8.67 0.50 16.68
N TYR A 108 -7.94 -0.60 16.76
CA TYR A 108 -6.65 -0.71 16.10
C TYR A 108 -6.73 -1.51 14.81
N VAL A 109 -7.84 -2.17 14.55
CA VAL A 109 -8.00 -3.15 13.49
C VAL A 109 -9.39 -2.95 12.87
N GLN A 110 -9.49 -2.44 11.65
CA GLN A 110 -10.74 -2.13 11.00
C GLN A 110 -10.55 -2.39 9.51
N LEU A 111 -11.64 -2.61 8.81
CA LEU A 111 -11.59 -2.76 7.37
C LEU A 111 -11.33 -1.44 6.68
N GLY A 112 -10.48 -1.45 5.66
CA GLY A 112 -10.35 -0.26 4.82
C GLY A 112 -11.57 -0.09 3.94
N VAL A 113 -11.95 1.17 3.77
CA VAL A 113 -13.03 1.51 2.89
C VAL A 113 -12.53 1.73 1.46
N LEU A 114 -13.13 1.08 0.47
CA LEU A 114 -12.62 1.23 -0.89
C LEU A 114 -13.48 2.24 -1.62
N PRO A 115 -12.94 2.94 -2.61
CA PRO A 115 -13.77 3.89 -3.37
C PRO A 115 -14.73 3.15 -4.27
N ARG A 116 -15.73 3.90 -4.74
CA ARG A 116 -16.57 3.30 -5.77
C ARG A 116 -15.80 3.16 -7.08
N ALA A 117 -16.10 2.07 -7.77
CA ALA A 117 -15.54 1.73 -9.06
C ALA A 117 -15.54 2.94 -9.99
N GLY A 118 -14.40 3.18 -10.61
CA GLY A 118 -14.26 4.18 -11.66
C GLY A 118 -13.92 5.56 -11.13
N THR A 119 -13.93 5.73 -9.81
CA THR A 119 -13.63 7.00 -9.18
C THR A 119 -12.22 7.49 -9.51
N ILE A 120 -12.11 8.71 -10.03
CA ILE A 120 -10.84 9.35 -10.33
C ILE A 120 -10.76 10.65 -9.56
N LEU A 121 -9.66 10.80 -8.80
CA LEU A 121 -9.48 11.98 -8.01
C LEU A 121 -8.99 13.15 -8.85
N ALA A 122 -9.53 14.32 -8.52
CA ALA A 122 -9.11 15.54 -9.20
C ALA A 122 -7.65 15.79 -8.85
N ASN A 123 -6.93 16.46 -9.74
CA ASN A 123 -5.56 16.84 -9.45
C ASN A 123 -5.41 17.52 -8.10
N ASN A 124 -4.33 17.25 -7.37
CA ASN A 124 -4.03 17.86 -6.08
C ASN A 124 -5.04 17.48 -4.98
N SER A 125 -5.66 16.30 -5.06
CA SER A 125 -6.54 15.80 -4.01
C SER A 125 -5.78 15.38 -2.76
N PRO A 126 -6.30 15.65 -1.56
CA PRO A 126 -5.57 15.36 -0.34
C PRO A 126 -5.59 13.87 0.04
N CYS A 127 -4.35 13.37 0.17
CA CYS A 127 -4.14 11.96 0.54
C CYS A 127 -2.95 11.82 1.48
N TYR A 128 -2.94 10.76 2.26
CA TYR A 128 -1.77 10.35 3.01
C TYR A 128 -1.29 8.96 2.62
N ILE A 129 0.02 8.81 2.45
CA ILE A 129 0.56 7.47 2.40
C ILE A 129 0.96 7.04 3.81
N THR A 130 0.80 5.74 4.10
CA THR A 130 1.28 5.23 5.38
C THR A 130 2.18 4.01 5.20
N GLY A 131 3.14 3.79 6.09
CA GLY A 131 3.86 2.54 6.10
C GLY A 131 5.09 2.57 6.97
N TRP A 132 5.77 1.44 7.00
CA TRP A 132 7.01 1.30 7.73
C TRP A 132 8.22 1.28 6.80
N GLY A 133 8.07 1.72 5.58
CA GLY A 133 9.18 1.66 4.61
C GLY A 133 10.31 2.59 5.00
N LEU A 134 11.38 2.51 4.17
CA LEU A 134 12.57 3.32 4.35
C LEU A 134 12.20 4.79 4.56
N THR A 135 12.93 5.43 5.46
CA THR A 135 12.69 6.83 5.78
C THR A 135 13.64 7.77 5.06
N ARG A 136 14.59 7.20 4.33
CA ARG A 136 15.45 7.86 3.36
C ARG A 136 15.74 6.91 2.22
N THR A 137 15.99 7.43 1.03
CA THR A 137 16.53 6.60 -0.06
C THR A 137 17.75 5.84 0.45
N ASN A 138 17.72 4.54 0.22
CA ASN A 138 18.86 3.70 0.62
C ASN A 138 19.06 3.73 2.14
N GLY A 139 17.97 3.99 2.86
CA GLY A 139 17.99 4.04 4.32
C GLY A 139 17.52 2.75 4.93
N GLN A 140 16.80 2.90 6.04
CA GLN A 140 16.28 1.75 6.78
C GLN A 140 14.80 1.90 7.12
N LEU A 141 14.14 0.76 7.36
CA LEU A 141 12.77 0.78 7.79
C LEU A 141 12.57 1.64 9.03
N ALA A 142 11.39 2.26 9.03
CA ALA A 142 10.88 2.92 10.22
C ALA A 142 10.58 1.89 11.31
N GLN A 143 10.78 2.29 12.57
CA GLN A 143 10.27 1.44 13.65
C GLN A 143 8.77 1.60 13.89
N THR A 144 8.32 2.85 13.84
CA THR A 144 6.90 3.08 14.05
C THR A 144 6.25 3.59 12.77
N LEU A 145 4.95 3.31 12.65
CA LEU A 145 4.22 3.60 11.44
C LEU A 145 4.31 5.09 11.09
N GLN A 146 4.64 5.38 9.82
CA GLN A 146 4.76 6.76 9.37
C GLN A 146 3.62 7.12 8.44
N GLN A 147 3.33 8.41 8.34
CA GLN A 147 2.43 8.97 7.36
C GLN A 147 3.09 10.20 6.73
N ALA A 148 2.72 10.42 5.46
CA ALA A 148 3.09 11.64 4.79
C ALA A 148 1.95 12.09 3.87
N TYR A 149 1.74 13.40 3.85
CA TYR A 149 0.78 14.09 3.02
C TYR A 149 1.29 14.13 1.59
N LEU A 150 0.57 13.42 0.73
CA LEU A 150 0.94 13.29 -0.66
C LEU A 150 -0.26 13.62 -1.55
N PRO A 151 -0.34 14.84 -2.03
CA PRO A 151 -1.52 15.13 -2.90
C PRO A 151 -1.37 14.52 -4.28
N THR A 152 -2.53 14.20 -4.87
CA THR A 152 -2.52 13.50 -6.13
C THR A 152 -1.98 14.42 -7.23
N VAL A 153 -1.44 13.73 -8.22
CA VAL A 153 -0.96 14.28 -9.47
C VAL A 153 -1.74 13.60 -10.58
N ASP A 154 -2.60 14.36 -11.26
CA ASP A 154 -3.53 13.66 -12.14
C ASP A 154 -2.82 13.08 -13.36
N TYR A 155 -3.49 12.19 -14.08
CA TYR A 155 -2.85 11.47 -15.19
C TYR A 155 -2.23 12.36 -16.24
N ALA A 156 -2.92 13.45 -16.60
CA ALA A 156 -2.38 14.29 -17.66
C ALA A 156 -1.04 14.89 -17.25
N ILE A 157 -0.87 15.27 -15.98
CA ILE A 157 0.45 15.76 -15.54
C ILE A 157 1.42 14.62 -15.33
N CYS A 158 0.98 13.56 -14.65
CA CYS A 158 1.86 12.46 -14.30
C CYS A 158 2.43 11.74 -15.52
N SER A 159 1.72 11.67 -16.64
CA SER A 159 2.15 10.93 -17.82
C SER A 159 2.86 11.89 -18.80
N SER A 160 3.06 13.10 -18.34
CA SER A 160 3.79 14.11 -19.09
C SER A 160 5.27 13.79 -19.10
N SER A 161 6.03 14.37 -20.03
CA SER A 161 7.39 13.91 -20.26
C SER A 161 8.33 14.13 -19.08
N SER A 162 8.13 15.19 -18.32
CA SER A 162 9.06 15.50 -17.22
C SER A 162 8.71 14.78 -15.92
N TYR A 163 7.52 14.18 -15.96
CA TYR A 163 7.13 13.30 -14.84
C TYR A 163 7.45 11.86 -15.22
N TRP A 164 6.49 10.98 -15.39
CA TRP A 164 6.70 9.57 -15.62
C TRP A 164 6.51 9.14 -17.08
N GLY A 165 6.04 10.06 -17.93
CA GLY A 165 5.80 9.72 -19.33
C GLY A 165 4.91 8.51 -19.48
N SER A 166 5.21 7.62 -20.41
CA SER A 166 4.38 6.48 -20.77
C SER A 166 4.38 5.41 -19.68
N THR A 167 5.26 5.55 -18.70
CA THR A 167 5.35 4.54 -17.64
C THR A 167 4.07 4.50 -16.80
N VAL A 168 3.46 5.65 -16.57
CA VAL A 168 2.23 5.69 -15.79
C VAL A 168 1.06 5.39 -16.70
N LYS A 169 0.11 4.63 -16.18
CA LYS A 169 -1.10 4.24 -16.88
C LYS A 169 -2.33 4.82 -16.16
N ASN A 170 -3.48 4.89 -16.83
CA ASN A 170 -4.67 5.40 -16.15
C ASN A 170 -5.18 4.49 -15.06
N SER A 171 -4.73 3.26 -14.98
CA SER A 171 -5.00 2.30 -13.92
C SER A 171 -4.12 2.56 -12.70
N MET A 172 -3.42 3.67 -12.71
CA MET A 172 -2.60 4.04 -11.57
C MET A 172 -3.01 5.40 -11.02
N VAL A 173 -2.65 5.65 -9.77
CA VAL A 173 -2.69 6.96 -9.15
C VAL A 173 -1.28 7.41 -8.83
N CYS A 174 -0.95 8.64 -9.15
CA CYS A 174 0.30 9.29 -8.75
C CYS A 174 0.02 10.23 -7.58
N ALA A 175 0.94 10.28 -6.60
CA ALA A 175 0.79 11.26 -5.53
C ALA A 175 2.17 11.69 -5.04
N GLY A 176 2.31 12.97 -4.76
CA GLY A 176 3.49 13.57 -4.18
C GLY A 176 4.35 14.18 -5.27
N GLY A 177 5.63 13.83 -5.19
CA GLY A 177 6.58 14.31 -6.20
C GLY A 177 7.22 15.62 -5.83
N ASP A 178 7.15 16.03 -4.57
CA ASP A 178 7.67 17.34 -4.18
C ASP A 178 9.17 17.31 -3.88
N GLY A 179 9.79 16.13 -3.90
CA GLY A 179 11.20 16.04 -3.65
C GLY A 179 11.55 15.83 -2.20
N VAL A 180 10.56 15.85 -1.32
CA VAL A 180 10.77 15.80 0.11
C VAL A 180 10.04 14.61 0.75
N ARG A 181 8.79 14.43 0.40
CA ARG A 181 7.91 13.36 0.88
C ARG A 181 7.62 12.32 -0.19
N SER A 182 7.62 11.05 0.22
CA SER A 182 7.42 9.98 -0.75
C SER A 182 7.21 8.65 -0.07
N GLY A 183 6.64 7.72 -0.80
CA GLY A 183 6.84 6.33 -0.43
C GLY A 183 8.26 5.87 -0.66
N CYS A 184 8.61 4.71 -0.10
CA CYS A 184 9.96 4.19 -0.32
C CYS A 184 9.86 2.67 -0.18
N GLN A 185 10.97 1.97 -0.36
CA GLN A 185 10.92 0.50 -0.26
C GLN A 185 10.36 0.08 1.07
N GLY A 186 9.48 -0.91 1.13
CA GLY A 186 8.91 -1.37 2.40
C GLY A 186 7.52 -0.77 2.60
N ASP A 187 7.21 0.27 1.84
CA ASP A 187 5.85 0.82 1.81
C ASP A 187 4.97 0.15 0.76
N SER A 188 5.60 -0.54 -0.18
CA SER A 188 4.91 -1.21 -1.28
C SER A 188 3.76 -2.05 -0.76
N GLY A 189 2.64 -2.01 -1.48
CA GLY A 189 1.48 -2.79 -1.12
C GLY A 189 0.56 -2.12 -0.12
N GLY A 190 1.07 -1.13 0.60
CA GLY A 190 0.21 -0.41 1.56
C GLY A 190 -0.71 0.59 0.88
N PRO A 191 -1.51 1.26 1.70
CA PRO A 191 -2.53 2.20 1.27
C PRO A 191 -2.04 3.62 1.00
N LEU A 192 -2.74 4.21 0.05
CA LEU A 192 -2.90 5.65 -0.11
C LEU A 192 -4.36 6.00 0.27
N HIS A 193 -4.48 6.76 1.34
CA HIS A 193 -5.72 7.14 1.97
C HIS A 193 -6.12 8.56 1.51
N CYS A 194 -7.26 8.69 0.85
CA CYS A 194 -7.63 10.02 0.35
C CYS A 194 -8.97 10.42 0.93
N LEU A 195 -9.08 11.68 1.37
CA LEU A 195 -10.30 12.20 1.94
C LEU A 195 -11.26 12.66 0.85
N VAL A 196 -12.40 12.00 0.79
CA VAL A 196 -13.51 12.27 -0.09
C VAL A 196 -14.84 12.29 0.66
N ASN A 197 -15.55 13.42 0.53
CA ASN A 197 -16.85 13.60 1.18
C ASN A 197 -16.75 13.27 2.66
N GLY A 198 -15.65 13.69 3.26
CA GLY A 198 -15.54 13.60 4.70
C GLY A 198 -14.93 12.33 5.25
N GLN A 199 -14.71 11.34 4.38
CA GLN A 199 -14.34 9.99 4.77
C GLN A 199 -13.05 9.58 4.07
N TYR A 200 -12.12 8.98 4.78
CA TYR A 200 -10.94 8.44 4.13
C TYR A 200 -11.27 7.11 3.47
N ALA A 201 -10.80 6.95 2.22
CA ALA A 201 -10.89 5.65 1.57
C ALA A 201 -9.53 5.33 0.95
N VAL A 202 -9.34 4.04 0.70
CA VAL A 202 -8.04 3.61 0.20
C VAL A 202 -8.08 3.59 -1.33
N HIS A 203 -7.55 4.66 -1.93
CA HIS A 203 -7.56 4.84 -3.37
C HIS A 203 -6.35 4.20 -4.06
N GLY A 204 -5.29 3.88 -3.32
CA GLY A 204 -4.05 3.41 -3.93
C GLY A 204 -3.43 2.24 -3.18
N VAL A 205 -2.74 1.40 -3.93
CA VAL A 205 -1.87 0.36 -3.42
C VAL A 205 -0.46 0.73 -3.87
N THR A 206 0.43 1.02 -2.94
CA THR A 206 1.76 1.52 -3.33
C THR A 206 2.49 0.51 -4.22
N SER A 207 2.95 0.99 -5.37
CA SER A 207 3.52 0.10 -6.38
C SER A 207 4.99 0.41 -6.68
N PHE A 208 5.33 1.65 -7.03
CA PHE A 208 6.72 1.92 -7.39
C PHE A 208 7.07 3.38 -7.22
N VAL A 209 8.37 3.58 -7.09
CA VAL A 209 9.07 4.83 -7.08
C VAL A 209 10.21 4.79 -8.13
N SER A 210 10.84 5.94 -8.32
CA SER A 210 11.92 6.05 -9.29
C SER A 210 13.12 5.18 -8.92
N ARG A 211 13.77 4.56 -9.91
CA ARG A 211 15.06 3.94 -9.67
C ARG A 211 16.13 4.90 -9.17
N LEU A 212 16.02 6.19 -9.43
CA LEU A 212 16.96 7.18 -8.92
C LEU A 212 16.81 7.42 -7.42
N GLY A 213 15.61 7.19 -6.90
CA GLY A 213 15.41 7.48 -5.49
C GLY A 213 13.92 7.57 -5.17
N CYS A 214 13.65 7.58 -3.87
CA CYS A 214 12.28 7.61 -3.40
C CYS A 214 11.71 9.00 -3.56
N ASN A 215 12.28 10.02 -2.94
CA ASN A 215 11.77 11.39 -2.99
C ASN A 215 12.50 12.18 -4.06
N VAL A 216 12.05 12.04 -5.28
CA VAL A 216 12.63 12.72 -6.44
C VAL A 216 11.61 13.70 -6.95
N THR A 217 11.96 14.97 -7.13
CA THR A 217 11.03 15.94 -7.74
C THR A 217 10.56 15.43 -9.11
N ARG A 218 9.26 15.56 -9.30
CA ARG A 218 8.53 15.19 -10.51
C ARG A 218 8.57 13.70 -10.80
N LYS A 219 8.89 12.91 -9.76
CA LYS A 219 8.65 11.47 -9.82
C LYS A 219 7.82 11.03 -8.60
N PRO A 220 6.55 11.41 -8.67
CA PRO A 220 5.64 11.06 -7.57
C PRO A 220 5.57 9.55 -7.41
N THR A 221 5.24 9.18 -6.17
CA THR A 221 5.03 7.76 -5.86
C THR A 221 3.88 7.24 -6.69
N VAL A 222 3.93 6.02 -7.19
CA VAL A 222 2.89 5.52 -8.09
C VAL A 222 2.21 4.35 -7.41
N PHE A 223 0.87 4.36 -7.48
CA PHE A 223 -0.01 3.44 -6.80
C PHE A 223 -0.92 2.74 -7.82
N THR A 224 -1.23 1.49 -7.59
CA THR A 224 -2.35 0.83 -8.28
C THR A 224 -3.63 1.56 -7.86
N ARG A 225 -4.44 1.93 -8.84
CA ARG A 225 -5.67 2.59 -8.62
C ARG A 225 -6.73 1.57 -8.20
N VAL A 226 -7.07 1.55 -6.93
CA VAL A 226 -8.01 0.57 -6.37
C VAL A 226 -9.34 0.59 -7.12
N SER A 227 -9.80 1.79 -7.51
CA SER A 227 -11.12 1.89 -8.11
C SER A 227 -11.19 1.31 -9.52
N ALA A 228 -10.07 0.95 -10.11
CA ALA A 228 -10.01 0.15 -11.32
C ALA A 228 -10.23 -1.34 -11.13
N TYR A 229 -10.25 -1.84 -9.89
CA TYR A 229 -10.11 -3.24 -9.58
C TYR A 229 -11.26 -3.72 -8.71
N ILE A 230 -12.29 -2.85 -8.53
CA ILE A 230 -13.37 -3.26 -7.62
C ILE A 230 -14.04 -4.55 -8.02
N SER A 231 -14.33 -4.71 -9.32
CA SER A 231 -14.99 -5.97 -9.70
C SER A 231 -14.06 -7.17 -9.58
N TRP A 232 -12.77 -6.97 -9.89
CA TRP A 232 -11.80 -8.02 -9.69
C TRP A 232 -11.74 -8.47 -8.24
N ILE A 233 -11.61 -7.53 -7.31
CA ILE A 233 -11.58 -7.86 -5.88
C ILE A 233 -12.83 -8.62 -5.47
N ASN A 234 -14.01 -8.10 -5.83
CA ASN A 234 -15.24 -8.79 -5.46
C ASN A 234 -15.30 -10.19 -6.05
N ASN A 235 -14.88 -10.36 -7.30
CA ASN A 235 -14.91 -11.67 -7.94
C ASN A 235 -14.02 -12.67 -7.22
N VAL A 236 -12.87 -12.18 -6.78
CA VAL A 236 -11.94 -13.09 -6.10
C VAL A 236 -12.48 -13.51 -4.75
N ILE A 237 -13.04 -12.58 -4.01
CA ILE A 237 -13.53 -12.90 -2.66
C ILE A 237 -14.74 -13.81 -2.78
N ALA A 238 -15.55 -13.52 -3.79
CA ALA A 238 -16.78 -14.28 -4.01
C ALA A 238 -16.46 -15.73 -4.39
N SER A 239 -15.28 -15.91 -4.99
CA SER A 239 -14.90 -17.23 -5.51
C SER A 239 -13.94 -17.94 -4.57
N ASN A 240 -13.51 -17.27 -3.52
CA ASN A 240 -12.61 -17.94 -2.58
C ASN A 240 -13.19 -17.87 -1.17
S SO4 B . -12.24 2.33 -14.60
O1 SO4 B . -10.93 2.50 -15.28
O2 SO4 B . -12.06 2.42 -13.14
O3 SO4 B . -13.15 3.41 -15.06
O4 SO4 B . -12.82 1.02 -14.95
S SO4 C . 9.53 -2.81 -2.31
O1 SO4 C . 10.78 -3.20 -1.62
O2 SO4 C . 8.66 -4.00 -2.47
O3 SO4 C . 8.83 -1.78 -1.52
O4 SO4 C . 9.87 -2.26 -3.65
NA NA D . 4.53 -3.93 17.83
I IOD E . 15.44 9.77 8.65
I2 I3C F . 14.64 -13.92 1.76
I1 I3C F . 18.83 -16.65 -1.61
O8 I3C F . 16.67 -17.36 -4.00
O9 I3C F . 16.20 -15.45 -4.98
C10 I3C F . 17.43 -15.39 0.96
N13 I3C F . 13.18 -13.83 -1.09
C1 I3C F . 16.07 -15.66 -2.57
C6 I3C F . 14.83 -15.03 -2.41
C5 I3C F . 14.40 -14.51 -1.20
C4 I3C F . 15.28 -14.65 -0.10
C3 I3C F . 16.51 -15.26 -0.24
C2 I3C F . 16.93 -15.78 -1.47
C7 I3C F . 16.33 -16.17 -3.96
O11 I3C F . 18.38 -14.58 0.92
O12 I3C F . 17.21 -16.20 1.89
I3 I3C G . 14.45 3.70 11.69
I2 I3C G . 17.03 5.67 16.86
I1 I3C G . 17.85 8.71 11.72
O8 I3C G . 17.02 6.04 9.96
O9 I3C G . 14.86 6.54 10.08
C10 I3C G . 17.93 8.01 14.91
N13 I3C G . 15.10 4.00 14.90
C1 I3C G . 16.16 6.18 12.08
C6 I3C G . 15.58 5.12 12.79
C5 I3C G . 15.75 4.99 14.16
C4 I3C G . 16.57 5.93 14.82
C3 I3C G . 17.13 7.00 14.14
C2 I3C G . 16.94 7.12 12.76
C7 I3C G . 15.97 6.27 10.60
O11 I3C G . 17.22 8.73 15.64
O12 I3C G . 19.18 8.12 14.82
I3 I3C H . 7.29 19.22 -7.96
I2 I3C H . 9.96 24.45 -9.67
I1 I3C H . 4.15 24.43 -8.41
O8 I3C H . 4.33 20.44 -8.77
O9 I3C H . 4.12 21.51 -6.85
C10 I3C H . 7.09 25.49 -9.28
N13 I3C H . 9.59 21.26 -8.92
C1 I3C H . 5.98 21.97 -8.32
C6 I3C H . 7.20 21.28 -8.41
C5 I3C H . 8.37 21.94 -8.81
C4 I3C H . 8.29 23.32 -9.09
C3 I3C H . 7.09 24.01 -8.97
C2 I3C H . 5.94 23.35 -8.58
C7 I3C H . 4.71 21.26 -7.92
O11 I3C H . 7.50 26.18 -8.31
O12 I3C H . 6.74 25.95 -10.39
I3 I3C I . -20.48 -6.16 -4.87
I2 I3C I . -18.23 -2.65 -9.22
I1 I3C I . -20.52 -0.22 -4.08
O8 I3C I . -22.10 -3.65 -3.49
O9 I3C I . -20.24 -3.16 -2.40
C10 I3C I . -19.22 -0.30 -7.11
N13 I3C I . -18.97 -5.23 -7.60
C1 I3C I . -20.29 -3.13 -4.81
C6 I3C I . -19.97 -4.25 -5.60
C5 I3C I . -19.36 -4.13 -6.84
C4 I3C I . -19.12 -2.81 -7.32
C3 I3C I . -19.45 -1.69 -6.56
C2 I3C I . -20.03 -1.85 -5.30
C7 I3C I . -20.90 -3.32 -3.46
O11 I3C I . -18.35 0.35 -6.49
O12 I3C I . -19.84 0.15 -8.10
#